data_4NPB
#
_entry.id   4NPB
#
_cell.length_a   90.894
_cell.length_b   141.335
_cell.length_c   41.153
_cell.angle_alpha   90.00
_cell.angle_beta   90.00
_cell.angle_gamma   90.00
#
_symmetry.space_group_name_H-M   'P 21 21 2'
#
loop_
_entity.id
_entity.type
_entity.pdbx_description
1 polymer 'Protein disulfide isomerase II'
2 branched beta-D-fructofuranose-(2-1)-alpha-D-glucopyranose
3 non-polymer 'PHOSPHATE ION'
4 water water
#
_entity_poly.entity_id   1
_entity_poly.type   'polypeptide(L)'
_entity_poly.pdbx_seq_one_letter_code
;SNADDSAIQQTLKKLDIQQADIQPSPIPGISTV(MSE)TESGVLYISADGKHLLQGPLYDVSGDQPINVTNQALLKKLEA
LSSE(MSE)IVYKAPEEKHVITVFTDITCGYCRKLHEQ(MSE)KDYNALGITVRYLAFPRQGLSSQAEKD(MSE)RSIWC
(MSE)ADRNKAFDDA(MSE)KNNDISPATCKTDISKHYQLGVQFGIQGTPAIVLQNGTIVPGYQGPKE(MSE)LQ(MSE)
LNAHQASLKAGG
;
_entity_poly.pdbx_strand_id   A,B
#
# COMPACT_ATOMS: atom_id res chain seq x y z
N ALA A 3 -29.75 -10.24 13.66
CA ALA A 3 -28.46 -10.18 13.00
C ALA A 3 -28.45 -9.13 11.90
N ASP A 4 -27.53 -8.16 12.00
CA ASP A 4 -27.41 -7.11 10.99
C ASP A 4 -26.01 -6.49 10.93
N ASP A 5 -25.88 -5.37 10.22
CA ASP A 5 -24.59 -4.74 10.04
C ASP A 5 -24.44 -3.51 10.94
N SER A 6 -25.20 -3.46 12.03
CA SER A 6 -25.20 -2.26 12.87
C SER A 6 -23.81 -1.98 13.48
N ALA A 7 -23.15 -3.01 14.02
CA ALA A 7 -21.81 -2.82 14.60
C ALA A 7 -20.80 -2.24 13.59
N ILE A 8 -20.77 -2.79 12.39
CA ILE A 8 -19.89 -2.27 11.34
C ILE A 8 -20.26 -0.83 10.94
N GLN A 9 -21.54 -0.60 10.72
CA GLN A 9 -21.99 0.72 10.30
C GLN A 9 -21.63 1.79 11.30
N GLN A 10 -21.77 1.47 12.59
CA GLN A 10 -21.38 2.38 13.66
C GLN A 10 -19.89 2.67 13.60
N THR A 11 -19.10 1.66 13.25
CA THR A 11 -17.66 1.86 13.10
C THR A 11 -17.38 2.75 11.88
N LEU A 12 -18.06 2.45 10.78
CA LEU A 12 -17.94 3.25 9.56
C LEU A 12 -18.25 4.73 9.85
N LYS A 13 -19.29 4.97 10.65
CA LYS A 13 -19.64 6.32 11.07
C LYS A 13 -18.48 7.02 11.81
N LYS A 14 -17.91 6.37 12.82
CA LYS A 14 -16.78 6.93 13.58
C LYS A 14 -15.57 7.27 12.70
N LEU A 15 -15.40 6.51 11.62
CA LEU A 15 -14.26 6.68 10.71
C LEU A 15 -14.59 7.62 9.55
N ASP A 16 -15.77 8.26 9.62
CA ASP A 16 -16.25 9.17 8.57
C ASP A 16 -16.23 8.53 7.18
N ILE A 17 -16.63 7.26 7.13
CA ILE A 17 -16.76 6.53 5.87
C ILE A 17 -18.24 6.51 5.46
N GLN A 18 -18.56 7.27 4.41
CA GLN A 18 -19.96 7.43 3.99
C GLN A 18 -20.29 6.54 2.80
N GLN A 19 -21.52 6.05 2.77
CA GLN A 19 -22.03 5.29 1.64
C GLN A 19 -21.11 4.12 1.24
N ALA A 20 -20.61 3.39 2.25
CA ALA A 20 -19.92 2.14 2.00
C ALA A 20 -20.94 1.04 1.74
N ASP A 21 -20.49 -0.01 1.06
CA ASP A 21 -21.31 -1.15 0.69
C ASP A 21 -20.75 -2.38 1.41
N ILE A 22 -21.56 -2.98 2.30
CA ILE A 22 -21.10 -4.12 3.10
C ILE A 22 -21.49 -5.45 2.45
N GLN A 23 -20.49 -6.22 2.04
CA GLN A 23 -20.68 -7.48 1.31
C GLN A 23 -20.02 -8.63 2.09
N PRO A 24 -20.33 -9.88 1.71
CA PRO A 24 -19.68 -11.04 2.34
C PRO A 24 -18.16 -11.11 2.07
N SER A 25 -17.47 -11.91 2.88
CA SER A 25 -16.09 -12.26 2.57
C SER A 25 -15.93 -13.77 2.79
N PRO A 26 -14.87 -14.35 2.22
CA PRO A 26 -14.65 -15.78 2.42
C PRO A 26 -14.26 -16.11 3.86
N ILE A 27 -13.87 -15.09 4.62
CA ILE A 27 -13.46 -15.33 6.01
C ILE A 27 -14.60 -15.11 7.00
N PRO A 28 -14.97 -16.17 7.74
CA PRO A 28 -16.05 -16.06 8.74
C PRO A 28 -15.77 -14.94 9.74
N GLY A 29 -16.79 -14.12 10.02
CA GLY A 29 -16.63 -13.00 10.94
C GLY A 29 -15.97 -11.77 10.35
N ILE A 30 -15.67 -11.80 9.05
CA ILE A 30 -15.13 -10.63 8.36
C ILE A 30 -16.04 -10.22 7.19
N SER A 31 -16.31 -8.92 7.05
CA SER A 31 -17.09 -8.42 5.91
C SER A 31 -16.22 -7.64 4.93
N THR A 32 -16.48 -7.81 3.64
CA THR A 32 -15.89 -6.97 2.60
C THR A 32 -16.63 -5.63 2.61
N VAL A 33 -15.91 -4.54 2.87
CA VAL A 33 -16.56 -3.21 2.86
C VAL A 33 -15.99 -2.33 1.73
N THR A 35 -15.56 0.97 -0.03
CA THR A 35 -15.71 2.40 0.22
C THR A 35 -15.52 3.10 -1.12
N GLU A 36 -15.66 4.42 -1.12
CA GLU A 36 -15.41 5.20 -2.32
C GLU A 36 -13.93 5.25 -2.69
N SER A 37 -13.07 4.88 -1.75
CA SER A 37 -11.62 4.99 -1.97
C SER A 37 -10.93 3.64 -2.05
N GLY A 38 -11.64 2.59 -1.64
CA GLY A 38 -11.12 1.24 -1.80
C GLY A 38 -11.90 0.19 -1.06
N VAL A 39 -11.25 -0.93 -0.80
CA VAL A 39 -11.87 -2.04 -0.10
C VAL A 39 -11.27 -2.22 1.29
N LEU A 40 -12.12 -2.44 2.28
CA LEU A 40 -11.66 -2.69 3.63
C LEU A 40 -12.20 -4.03 4.09
N TYR A 41 -11.49 -4.69 4.99
CA TYR A 41 -12.01 -5.89 5.63
C TYR A 41 -12.21 -5.62 7.14
N ILE A 42 -13.45 -5.76 7.59
CA ILE A 42 -13.82 -5.34 8.94
C ILE A 42 -14.53 -6.49 9.67
N SER A 43 -14.17 -6.73 10.92
CA SER A 43 -14.76 -7.84 11.66
C SER A 43 -16.22 -7.55 11.94
N ALA A 44 -17.02 -8.61 12.16
CA ALA A 44 -18.45 -8.47 12.34
C ALA A 44 -18.81 -7.52 13.49
N ASP A 45 -18.02 -7.55 14.55
CA ASP A 45 -18.29 -6.71 15.72
C ASP A 45 -17.87 -5.25 15.52
N GLY A 46 -17.34 -4.95 14.34
CA GLY A 46 -16.89 -3.60 14.02
C GLY A 46 -15.62 -3.22 14.73
N LYS A 47 -15.01 -4.19 15.40
CA LYS A 47 -13.87 -3.94 16.29
C LYS A 47 -12.52 -3.82 15.56
N HIS A 48 -12.37 -4.59 14.47
CA HIS A 48 -11.11 -4.64 13.73
C HIS A 48 -11.22 -4.35 12.25
N LEU A 49 -10.13 -3.83 11.69
CA LEU A 49 -10.12 -3.40 10.31
C LEU A 49 -8.77 -3.73 9.65
N LEU A 50 -8.83 -4.38 8.50
CA LEU A 50 -7.66 -4.64 7.68
C LEU A 50 -7.89 -4.07 6.27
N GLN A 51 -6.85 -3.49 5.69
CA GLN A 51 -6.94 -3.01 4.32
C GLN A 51 -6.78 -4.18 3.35
N GLY A 52 -7.50 -4.13 2.22
CA GLY A 52 -7.30 -5.10 1.15
C GLY A 52 -5.91 -4.94 0.53
N PRO A 53 -5.56 -5.80 -0.43
CA PRO A 53 -6.43 -6.86 -0.97
C PRO A 53 -6.37 -8.16 -0.18
N LEU A 54 -7.44 -8.94 -0.25
CA LEU A 54 -7.48 -10.28 0.32
C LEU A 54 -7.03 -11.28 -0.74
N TYR A 55 -6.12 -12.16 -0.34
CA TYR A 55 -5.64 -13.23 -1.20
C TYR A 55 -6.18 -14.58 -0.78
N ASP A 56 -6.51 -15.38 -1.77
CA ASP A 56 -6.77 -16.78 -1.53
C ASP A 56 -5.49 -17.49 -1.93
N VAL A 57 -4.83 -18.09 -0.93
CA VAL A 57 -3.56 -18.76 -1.14
C VAL A 57 -3.70 -20.26 -0.88
N SER A 58 -4.91 -20.78 -1.05
CA SER A 58 -5.18 -22.20 -0.82
C SER A 58 -4.76 -23.05 -2.00
N GLY A 59 -4.56 -22.43 -3.15
CA GLY A 59 -4.30 -23.18 -4.36
C GLY A 59 -2.82 -23.26 -4.72
N ASP A 60 -2.53 -23.72 -5.93
CA ASP A 60 -1.16 -23.73 -6.43
C ASP A 60 -0.65 -22.30 -6.58
N GLN A 61 -1.56 -21.40 -6.95
CA GLN A 61 -1.22 -20.00 -7.16
C GLN A 61 -2.15 -19.09 -6.36
N PRO A 62 -1.61 -17.95 -5.86
CA PRO A 62 -2.40 -16.99 -5.09
C PRO A 62 -3.48 -16.36 -5.97
N ILE A 63 -4.67 -16.20 -5.43
CA ILE A 63 -5.72 -15.45 -6.12
C ILE A 63 -6.11 -14.19 -5.34
N ASN A 64 -6.08 -13.06 -6.02
CA ASN A 64 -6.50 -11.81 -5.41
C ASN A 64 -8.04 -11.77 -5.40
N VAL A 65 -8.60 -12.14 -4.25
CA VAL A 65 -10.05 -12.19 -4.07
C VAL A 65 -10.68 -10.81 -4.21
N THR A 66 -10.02 -9.79 -3.65
CA THR A 66 -10.53 -8.43 -3.73
C THR A 66 -10.72 -8.03 -5.19
N ASN A 67 -9.70 -8.32 -5.99
CA ASN A 67 -9.72 -7.94 -7.39
C ASN A 67 -10.82 -8.64 -8.15
N GLN A 68 -11.03 -9.92 -7.83
CA GLN A 68 -12.12 -10.66 -8.47
C GLN A 68 -13.47 -10.01 -8.13
N ALA A 69 -13.59 -9.45 -6.92
CA ALA A 69 -14.82 -8.75 -6.55
C ALA A 69 -15.00 -7.42 -7.31
N LEU A 70 -13.89 -6.72 -7.58
CA LEU A 70 -13.95 -5.47 -8.32
C LEU A 70 -14.26 -5.74 -9.80
N LEU A 71 -13.79 -6.89 -10.30
CA LEU A 71 -14.04 -7.30 -11.67
C LEU A 71 -15.54 -7.54 -11.87
N LYS A 72 -16.20 -8.00 -10.82
CA LYS A 72 -17.65 -8.19 -10.86
C LYS A 72 -18.39 -6.84 -10.99
N LYS A 73 -17.87 -5.79 -10.35
CA LYS A 73 -18.47 -4.47 -10.45
C LYS A 73 -18.16 -3.86 -11.82
N LEU A 74 -16.96 -4.13 -12.29
CA LEU A 74 -16.51 -3.70 -13.61
C LEU A 74 -17.52 -4.17 -14.67
N GLU A 75 -17.83 -5.46 -14.65
CA GLU A 75 -18.73 -6.05 -15.65
C GLU A 75 -20.15 -5.55 -15.50
N ALA A 76 -20.51 -5.13 -14.29
CA ALA A 76 -21.82 -4.56 -14.03
C ALA A 76 -21.95 -3.20 -14.71
N LEU A 77 -20.82 -2.59 -15.07
CA LEU A 77 -20.86 -1.30 -15.78
C LEU A 77 -20.79 -1.43 -17.30
N SER A 78 -20.86 -2.65 -17.83
CA SER A 78 -20.68 -2.89 -19.26
C SER A 78 -21.59 -2.02 -20.14
N SER A 79 -22.83 -1.79 -19.71
CA SER A 79 -23.75 -0.92 -20.47
C SER A 79 -23.33 0.55 -20.46
N GLU A 80 -22.39 0.91 -19.58
CA GLU A 80 -21.91 2.30 -19.48
C GLU A 80 -20.63 2.51 -20.26
N ILE A 82 -17.90 2.68 -23.44
CA ILE A 82 -17.80 3.04 -24.84
C ILE A 82 -17.00 1.93 -25.50
N VAL A 83 -17.65 1.16 -26.35
CA VAL A 83 -17.04 -0.04 -26.92
C VAL A 83 -16.65 0.09 -28.38
N TYR A 84 -15.36 -0.15 -28.65
CA TYR A 84 -14.81 -0.19 -29.99
C TYR A 84 -14.47 -1.65 -30.33
N LYS A 85 -15.41 -2.31 -30.99
CA LYS A 85 -15.33 -3.75 -31.17
C LYS A 85 -14.46 -4.16 -32.36
N ALA A 86 -13.53 -5.08 -32.12
CA ALA A 86 -12.75 -5.68 -33.21
C ALA A 86 -13.63 -6.59 -34.02
N PRO A 87 -13.58 -6.45 -35.36
CA PRO A 87 -14.43 -7.23 -36.29
C PRO A 87 -14.25 -8.74 -36.16
N GLU A 88 -13.02 -9.18 -35.90
CA GLU A 88 -12.75 -10.59 -35.72
C GLU A 88 -12.09 -10.71 -34.35
N GLU A 89 -12.93 -10.70 -33.31
CA GLU A 89 -12.48 -10.47 -31.94
C GLU A 89 -11.61 -11.58 -31.32
N LYS A 90 -10.40 -11.22 -30.92
CA LYS A 90 -9.53 -12.19 -30.26
C LYS A 90 -9.30 -11.83 -28.78
N HIS A 91 -9.32 -10.54 -28.46
CA HIS A 91 -9.11 -10.09 -27.10
C HIS A 91 -10.03 -8.93 -26.74
N VAL A 92 -10.40 -8.83 -25.46
CA VAL A 92 -11.16 -7.71 -24.96
C VAL A 92 -10.46 -7.05 -23.78
N ILE A 93 -10.17 -5.77 -23.90
CA ILE A 93 -9.61 -5.00 -22.78
C ILE A 93 -10.55 -3.87 -22.38
N THR A 94 -10.47 -3.48 -21.11
CA THR A 94 -11.25 -2.38 -20.59
C THR A 94 -10.24 -1.31 -20.17
N VAL A 95 -10.45 -0.09 -20.64
CA VAL A 95 -9.46 0.96 -20.43
C VAL A 95 -10.09 2.14 -19.68
N PHE A 96 -9.51 2.47 -18.53
CA PHE A 96 -9.82 3.71 -17.82
C PHE A 96 -9.05 4.82 -18.49
N THR A 97 -9.77 5.83 -18.97
CA THR A 97 -9.16 6.83 -19.86
C THR A 97 -9.57 8.24 -19.48
N ASP A 98 -8.68 9.19 -19.75
CA ASP A 98 -8.94 10.58 -19.43
C ASP A 98 -8.70 11.35 -20.73
N ILE A 99 -9.71 12.09 -21.19
CA ILE A 99 -9.60 12.76 -22.49
C ILE A 99 -8.54 13.86 -22.47
N THR A 100 -8.09 14.23 -21.28
CA THR A 100 -7.06 15.26 -21.15
C THR A 100 -5.65 14.65 -21.15
N CYS A 101 -5.58 13.31 -21.11
CA CYS A 101 -4.30 12.62 -21.04
C CYS A 101 -3.65 12.39 -22.41
N GLY A 102 -2.46 12.95 -22.61
CA GLY A 102 -1.69 12.72 -23.82
C GLY A 102 -1.50 11.26 -24.27
N TYR A 103 -1.34 10.35 -23.32
CA TYR A 103 -1.20 8.92 -23.61
C TYR A 103 -2.52 8.26 -24.02
N CYS A 104 -3.63 8.69 -23.41
CA CYS A 104 -4.92 8.16 -23.79
C CYS A 104 -5.27 8.59 -25.21
N ARG A 105 -4.85 9.81 -25.57
CA ARG A 105 -5.04 10.31 -26.93
C ARG A 105 -4.18 9.48 -27.88
N LYS A 106 -2.96 9.18 -27.46
CA LYS A 106 -2.03 8.45 -28.32
C LYS A 106 -2.59 7.06 -28.56
N LEU A 107 -3.17 6.47 -27.51
CA LEU A 107 -3.84 5.18 -27.63
C LEU A 107 -5.04 5.34 -28.57
N HIS A 108 -5.92 6.29 -28.26
CA HIS A 108 -7.17 6.37 -29.00
C HIS A 108 -7.01 6.61 -30.50
N GLU A 109 -5.95 7.35 -30.88
CA GLU A 109 -5.63 7.57 -32.30
C GLU A 109 -5.33 6.28 -33.06
N GLN A 110 -4.95 5.23 -32.34
CA GLN A 110 -4.57 4.00 -33.01
C GLN A 110 -5.67 2.95 -32.90
N LYS A 112 -8.11 2.00 -34.79
CA LYS A 112 -8.23 1.13 -35.96
C LYS A 112 -7.18 0.03 -35.92
N ASP A 113 -6.01 0.34 -35.37
CA ASP A 113 -4.90 -0.63 -35.36
C ASP A 113 -5.08 -1.68 -34.26
N TYR A 114 -5.57 -1.26 -33.10
CA TYR A 114 -5.95 -2.22 -32.07
C TYR A 114 -7.04 -3.14 -32.63
N ASN A 115 -8.07 -2.57 -33.24
CA ASN A 115 -9.17 -3.37 -33.78
C ASN A 115 -8.74 -4.37 -34.86
N ALA A 116 -7.91 -3.92 -35.78
CA ALA A 116 -7.40 -4.79 -36.84
C ALA A 116 -6.61 -5.98 -36.24
N LEU A 117 -6.03 -5.81 -35.06
CA LEU A 117 -5.30 -6.91 -34.43
C LEU A 117 -6.21 -7.84 -33.63
N GLY A 118 -7.50 -7.54 -33.62
CA GLY A 118 -8.48 -8.39 -32.96
C GLY A 118 -8.75 -7.98 -31.52
N ILE A 119 -8.24 -6.82 -31.12
CA ILE A 119 -8.46 -6.30 -29.78
C ILE A 119 -9.63 -5.33 -29.69
N THR A 120 -10.67 -5.74 -28.96
CA THR A 120 -11.80 -4.87 -28.70
C THR A 120 -11.45 -4.03 -27.48
N VAL A 121 -11.67 -2.72 -27.58
CA VAL A 121 -11.40 -1.83 -26.46
C VAL A 121 -12.71 -1.27 -25.88
N ARG A 122 -12.88 -1.37 -24.56
CA ARG A 122 -14.03 -0.73 -23.91
C ARG A 122 -13.57 0.31 -22.90
N TYR A 123 -14.16 1.50 -22.96
CA TYR A 123 -13.75 2.62 -22.13
C TYR A 123 -14.63 2.85 -20.90
N LEU A 124 -13.98 3.20 -19.79
CA LEU A 124 -14.63 3.81 -18.64
C LEU A 124 -13.90 5.14 -18.40
N ALA A 125 -14.60 6.12 -17.84
CA ALA A 125 -14.04 7.46 -17.67
C ALA A 125 -13.27 7.55 -16.36
N PHE A 126 -12.09 8.14 -16.41
CA PHE A 126 -11.30 8.33 -15.19
C PHE A 126 -10.59 9.67 -15.25
N PRO A 127 -11.30 10.73 -14.83
CA PRO A 127 -10.65 12.05 -14.79
C PRO A 127 -9.56 12.02 -13.74
N ARG A 128 -8.30 12.19 -14.14
CA ARG A 128 -7.20 12.16 -13.18
C ARG A 128 -7.34 13.27 -12.13
N GLN A 129 -7.96 14.38 -12.52
CA GLN A 129 -8.13 15.54 -11.64
C GLN A 129 -9.40 15.46 -10.77
N GLY A 130 -10.05 14.29 -10.75
CA GLY A 130 -11.15 14.08 -9.81
C GLY A 130 -12.52 14.45 -10.34
N LEU A 131 -13.52 14.31 -9.48
CA LEU A 131 -14.91 14.47 -9.89
C LEU A 131 -15.37 15.93 -9.92
N SER A 132 -14.50 16.85 -9.49
CA SER A 132 -14.85 18.27 -9.46
C SER A 132 -14.17 19.04 -10.59
N SER A 133 -13.60 18.32 -11.55
CA SER A 133 -12.79 18.94 -12.57
C SER A 133 -13.56 19.13 -13.88
N GLN A 134 -12.96 19.88 -14.79
CA GLN A 134 -13.56 20.08 -16.09
C GLN A 134 -13.50 18.77 -16.89
N ALA A 135 -12.46 17.97 -16.66
CA ALA A 135 -12.36 16.67 -17.32
C ALA A 135 -13.57 15.80 -16.97
N GLU A 136 -14.05 15.91 -15.74
CA GLU A 136 -15.25 15.18 -15.33
C GLU A 136 -16.48 15.67 -16.10
N LYS A 137 -16.60 16.99 -16.24
CA LYS A 137 -17.78 17.57 -16.88
C LYS A 137 -17.86 17.14 -18.33
N ASP A 138 -16.73 17.24 -19.04
CA ASP A 138 -16.68 16.86 -20.44
C ASP A 138 -16.93 15.38 -20.65
N ARG A 140 -18.50 13.37 -18.50
CA ARG A 140 -19.92 13.16 -18.17
C ARG A 140 -20.75 13.47 -19.42
N SER A 141 -20.40 14.58 -20.07
CA SER A 141 -21.10 15.02 -21.27
C SER A 141 -21.01 13.97 -22.38
N ILE A 142 -19.80 13.46 -22.62
CA ILE A 142 -19.58 12.41 -23.60
C ILE A 142 -20.43 11.16 -23.34
N TRP A 143 -20.31 10.61 -22.14
CA TRP A 143 -21.02 9.39 -21.78
C TRP A 143 -22.55 9.52 -21.79
N CYS A 144 -23.04 10.75 -21.67
CA CYS A 144 -24.49 11.03 -21.79
C CYS A 144 -25.03 11.05 -23.22
N ALA A 146 -26.33 9.90 -26.92
CA ALA A 146 -26.90 8.72 -27.55
C ALA A 146 -25.87 7.89 -28.30
N ASP A 147 -24.86 8.55 -28.85
CA ASP A 147 -23.76 7.86 -29.52
C ASP A 147 -22.45 8.20 -28.82
N ARG A 148 -22.08 7.39 -27.82
CA ARG A 148 -20.91 7.69 -27.02
C ARG A 148 -19.65 7.65 -27.89
N ASN A 149 -19.66 6.73 -28.85
CA ASN A 149 -18.49 6.51 -29.71
C ASN A 149 -18.16 7.76 -30.50
N LYS A 150 -19.16 8.36 -31.16
CA LYS A 150 -18.94 9.58 -31.92
C LYS A 150 -18.47 10.72 -31.01
N ALA A 151 -19.18 10.92 -29.89
CA ALA A 151 -18.82 11.99 -28.94
C ALA A 151 -17.38 11.82 -28.43
N PHE A 152 -16.98 10.58 -28.14
CA PHE A 152 -15.61 10.33 -27.66
C PHE A 152 -14.58 10.61 -28.76
N ASP A 153 -14.83 10.08 -29.96
CA ASP A 153 -13.99 10.38 -31.12
C ASP A 153 -13.83 11.90 -31.35
N ASP A 154 -14.95 12.61 -31.43
CA ASP A 154 -14.91 14.03 -31.70
C ASP A 154 -14.17 14.78 -30.60
N ALA A 155 -14.27 14.30 -29.37
CA ALA A 155 -13.57 14.96 -28.27
C ALA A 155 -12.06 14.74 -28.40
N LYS A 157 -10.67 14.51 -31.17
CA LYS A 157 -10.30 15.36 -32.29
C LYS A 157 -10.30 16.83 -31.86
N ASN A 158 -10.30 17.05 -30.55
CA ASN A 158 -10.24 18.39 -29.92
C ASN A 158 -11.40 19.31 -30.28
N ASN A 159 -12.54 18.71 -30.62
CA ASN A 159 -13.74 19.48 -30.89
C ASN A 159 -14.33 19.99 -29.59
N ASP A 160 -15.10 21.07 -29.69
CA ASP A 160 -15.82 21.54 -28.53
C ASP A 160 -16.86 20.50 -28.12
N ILE A 161 -16.80 20.14 -26.85
CA ILE A 161 -17.72 19.18 -26.29
C ILE A 161 -18.91 19.95 -25.73
N SER A 162 -20.10 19.71 -26.28
CA SER A 162 -21.28 20.42 -25.82
C SER A 162 -21.68 19.94 -24.42
N PRO A 163 -21.86 20.86 -23.46
CA PRO A 163 -22.29 20.43 -22.11
C PRO A 163 -23.57 19.60 -22.18
N ALA A 164 -23.60 18.45 -21.51
CA ALA A 164 -24.77 17.58 -21.58
C ALA A 164 -24.92 16.76 -20.32
N THR A 165 -26.16 16.56 -19.88
CA THR A 165 -26.47 15.77 -18.69
C THR A 165 -27.55 14.75 -19.06
N CYS A 166 -27.67 13.70 -18.26
CA CYS A 166 -28.71 12.68 -18.49
C CYS A 166 -29.13 12.06 -17.17
N LYS A 167 -29.36 10.75 -17.16
CA LYS A 167 -29.80 10.04 -15.96
C LYS A 167 -28.63 9.71 -15.03
N THR A 168 -27.45 9.55 -15.60
CA THR A 168 -26.28 9.18 -14.81
C THR A 168 -25.05 10.02 -15.12
N ASP A 169 -24.17 10.12 -14.13
CA ASP A 169 -22.83 10.67 -14.33
C ASP A 169 -21.82 9.51 -14.37
N ILE A 170 -20.54 9.83 -14.22
CA ILE A 170 -19.48 8.83 -14.33
C ILE A 170 -18.76 8.62 -13.00
N SER A 171 -19.40 9.08 -11.92
CA SER A 171 -18.84 8.97 -10.58
C SER A 171 -18.49 7.51 -10.28
N LYS A 172 -19.34 6.58 -10.70
CA LYS A 172 -19.09 5.15 -10.45
C LYS A 172 -17.85 4.61 -11.16
N HIS A 173 -17.54 5.17 -12.33
CA HIS A 173 -16.37 4.76 -13.09
C HIS A 173 -15.11 5.14 -12.32
N TYR A 174 -15.07 6.40 -11.90
CA TYR A 174 -13.94 6.93 -11.16
C TYR A 174 -13.74 6.13 -9.87
N GLN A 175 -14.82 5.97 -9.11
CA GLN A 175 -14.73 5.23 -7.85
C GLN A 175 -14.23 3.78 -8.04
N LEU A 176 -14.69 3.11 -9.10
CA LEU A 176 -14.20 1.78 -9.40
C LEU A 176 -12.70 1.82 -9.72
N GLY A 177 -12.28 2.83 -10.48
CA GLY A 177 -10.88 2.99 -10.82
C GLY A 177 -10.03 3.18 -9.58
N VAL A 178 -10.51 4.03 -8.68
CA VAL A 178 -9.82 4.25 -7.42
C VAL A 178 -9.78 2.95 -6.64
N GLN A 179 -10.87 2.18 -6.66
CA GLN A 179 -10.87 0.91 -5.92
C GLN A 179 -9.86 -0.06 -6.49
N PHE A 180 -9.67 -0.05 -7.81
CA PHE A 180 -8.66 -0.89 -8.45
C PHE A 180 -7.26 -0.40 -8.12
N GLY A 181 -7.16 0.82 -7.60
CA GLY A 181 -5.88 1.37 -7.19
C GLY A 181 -5.12 2.03 -8.34
N ILE A 182 -5.86 2.44 -9.36
CA ILE A 182 -5.26 2.98 -10.57
C ILE A 182 -4.53 4.29 -10.28
N GLN A 183 -3.31 4.44 -10.80
CA GLN A 183 -2.48 5.60 -10.42
C GLN A 183 -2.45 6.70 -11.48
N GLY A 184 -2.94 6.38 -12.67
CA GLY A 184 -2.88 7.30 -13.79
C GLY A 184 -3.52 6.62 -14.98
N THR A 185 -3.51 7.30 -16.13
CA THR A 185 -4.20 6.81 -17.32
C THR A 185 -3.20 6.70 -18.47
N PRO A 186 -3.50 5.87 -19.49
CA PRO A 186 -4.58 4.89 -19.47
C PRO A 186 -4.24 3.73 -18.54
N ALA A 187 -5.26 3.08 -17.98
CA ALA A 187 -5.02 1.91 -17.14
C ALA A 187 -5.81 0.76 -17.73
N ILE A 188 -5.16 -0.37 -17.96
CA ILE A 188 -5.80 -1.47 -18.65
C ILE A 188 -6.26 -2.58 -17.69
N VAL A 189 -7.54 -2.98 -17.79
CA VAL A 189 -8.01 -4.12 -17.01
C VAL A 189 -8.20 -5.30 -17.95
N LEU A 190 -7.59 -6.43 -17.62
CA LEU A 190 -7.74 -7.63 -18.44
C LEU A 190 -8.96 -8.40 -17.95
N GLN A 191 -9.46 -9.30 -18.81
CA GLN A 191 -10.53 -10.21 -18.45
C GLN A 191 -10.24 -10.92 -17.13
N ASN A 192 -8.96 -11.10 -16.83
CA ASN A 192 -8.55 -11.83 -15.62
C ASN A 192 -8.33 -10.96 -14.37
N GLY A 193 -8.85 -9.74 -14.40
CA GLY A 193 -8.77 -8.86 -13.23
C GLY A 193 -7.47 -8.08 -13.09
N THR A 194 -6.46 -8.45 -13.87
CA THR A 194 -5.17 -7.78 -13.79
C THR A 194 -5.22 -6.34 -14.29
N ILE A 195 -4.62 -5.44 -13.53
CA ILE A 195 -4.45 -4.05 -13.94
C ILE A 195 -3.08 -3.87 -14.57
N VAL A 196 -3.03 -3.35 -15.78
CA VAL A 196 -1.76 -3.06 -16.44
C VAL A 196 -1.63 -1.57 -16.68
N PRO A 197 -0.80 -0.91 -15.86
CA PRO A 197 -0.74 0.56 -15.93
C PRO A 197 -0.10 1.05 -17.23
N GLY A 198 -0.60 2.18 -17.73
CA GLY A 198 0.08 2.90 -18.77
C GLY A 198 -0.20 2.46 -20.20
N TYR A 199 0.31 3.25 -21.13
CA TYR A 199 0.08 3.02 -22.55
C TYR A 199 0.92 1.87 -23.11
N GLN A 200 0.36 1.14 -24.08
CA GLN A 200 1.08 0.15 -24.89
C GLN A 200 0.57 0.25 -26.32
N GLY A 201 1.46 0.28 -27.30
CA GLY A 201 1.05 0.32 -28.71
C GLY A 201 0.34 -0.96 -29.10
N PRO A 202 -0.35 -0.97 -30.25
CA PRO A 202 -1.14 -2.14 -30.66
C PRO A 202 -0.31 -3.43 -30.71
N LYS A 203 0.91 -3.33 -31.23
CA LYS A 203 1.78 -4.51 -31.34
C LYS A 203 2.20 -5.03 -29.96
N GLU A 204 2.63 -4.14 -29.07
CA GLU A 204 3.02 -4.57 -27.74
C GLU A 204 1.79 -5.10 -26.99
N LEU A 206 -0.97 -6.60 -28.16
CA LEU A 206 -1.32 -7.96 -28.60
C LEU A 206 -0.38 -9.02 -28.00
N GLN A 207 0.92 -8.78 -28.07
CA GLN A 207 1.90 -9.71 -27.51
C GLN A 207 1.64 -9.93 -26.03
N LEU A 209 -1.23 -9.49 -24.36
CA LEU A 209 -2.44 -10.31 -24.24
C LEU A 209 -2.26 -11.78 -24.65
N ASN A 210 -1.61 -12.04 -25.78
CA ASN A 210 -1.45 -13.43 -26.19
C ASN A 210 -0.66 -14.22 -25.13
N ALA A 211 0.19 -13.52 -24.39
CA ALA A 211 1.01 -14.21 -23.39
C ALA A 211 0.21 -14.40 -22.10
N HIS A 212 -0.39 -13.33 -21.58
CA HIS A 212 -0.96 -13.34 -20.22
C HIS A 212 -2.46 -13.67 -20.12
N GLN A 213 -3.14 -13.62 -21.25
CA GLN A 213 -4.60 -13.66 -21.26
C GLN A 213 -5.04 -14.59 -22.39
N ALA A 214 -4.93 -15.90 -22.14
CA ALA A 214 -5.23 -16.93 -23.16
C ALA A 214 -6.55 -16.70 -23.88
N SER A 215 -6.50 -16.64 -25.21
CA SER A 215 -7.70 -16.50 -26.03
C SER A 215 -8.15 -17.88 -26.50
N LEU A 216 -8.91 -18.56 -25.65
CA LEU A 216 -9.28 -19.96 -25.86
C LEU A 216 -9.97 -20.25 -27.21
N LYS A 217 -10.57 -19.21 -27.79
CA LYS A 217 -11.29 -19.34 -29.07
C LYS A 217 -10.34 -19.37 -30.26
N ALA B 3 -4.06 -23.97 18.27
CA ALA B 3 -2.61 -23.97 18.44
C ALA B 3 -1.90 -24.88 17.42
N ASP B 4 -2.65 -25.33 16.41
CA ASP B 4 -2.07 -26.12 15.31
C ASP B 4 -1.85 -25.23 14.08
N ASP B 5 -0.68 -24.60 14.03
CA ASP B 5 -0.34 -23.67 12.96
C ASP B 5 0.20 -24.41 11.73
N SER B 6 -0.08 -25.72 11.66
CA SER B 6 0.42 -26.55 10.58
C SER B 6 -0.06 -26.11 9.19
N ALA B 7 -1.37 -25.89 9.04
CA ALA B 7 -1.94 -25.41 7.78
C ALA B 7 -1.29 -24.10 7.33
N ILE B 8 -1.07 -23.19 8.28
CA ILE B 8 -0.42 -21.91 7.98
C ILE B 8 1.01 -22.14 7.51
N GLN B 9 1.76 -22.94 8.27
CA GLN B 9 3.13 -23.28 7.90
C GLN B 9 3.22 -23.93 6.52
N GLN B 10 2.32 -24.87 6.22
CA GLN B 10 2.27 -25.45 4.89
C GLN B 10 2.05 -24.37 3.82
N THR B 11 1.16 -23.43 4.11
CA THR B 11 0.89 -22.34 3.19
C THR B 11 2.13 -21.45 3.01
N LEU B 12 2.78 -21.11 4.13
CA LEU B 12 4.01 -20.35 4.08
C LEU B 12 5.10 -21.06 3.26
N LYS B 13 5.15 -22.39 3.35
CA LYS B 13 6.15 -23.12 2.57
C LYS B 13 5.86 -23.03 1.07
N LYS B 14 4.59 -23.15 0.70
CA LYS B 14 4.22 -23.13 -0.71
C LYS B 14 4.48 -21.73 -1.25
N LEU B 15 4.31 -20.74 -0.38
CA LEU B 15 4.62 -19.35 -0.70
C LEU B 15 6.11 -19.04 -0.61
N ASP B 16 6.88 -20.01 -0.09
CA ASP B 16 8.33 -19.86 0.05
C ASP B 16 8.73 -18.71 0.98
N ILE B 17 7.98 -18.57 2.06
CA ILE B 17 8.34 -17.69 3.17
C ILE B 17 8.99 -18.52 4.29
N GLN B 18 10.21 -18.18 4.67
CA GLN B 18 10.93 -18.93 5.71
C GLN B 18 11.17 -18.12 6.96
N GLN B 19 11.37 -18.82 8.08
CA GLN B 19 11.62 -18.19 9.39
C GLN B 19 10.57 -17.14 9.80
N ALA B 20 9.29 -17.43 9.53
CA ALA B 20 8.21 -16.56 9.97
C ALA B 20 7.73 -16.93 11.36
N ASP B 21 7.32 -15.92 12.14
CA ASP B 21 6.82 -16.13 13.49
C ASP B 21 5.28 -16.05 13.52
N ILE B 22 4.65 -17.16 13.89
CA ILE B 22 3.19 -17.25 13.87
C ILE B 22 2.60 -17.14 15.27
N GLN B 23 1.93 -16.02 15.53
CA GLN B 23 1.32 -15.74 16.82
C GLN B 23 -0.17 -15.43 16.64
N PRO B 24 -0.96 -15.46 17.73
CA PRO B 24 -2.38 -15.19 17.55
C PRO B 24 -2.63 -13.74 17.20
N SER B 25 -3.80 -13.43 16.67
CA SER B 25 -4.22 -12.04 16.51
C SER B 25 -5.45 -11.83 17.39
N PRO B 26 -5.87 -10.58 17.55
CA PRO B 26 -7.11 -10.31 18.29
C PRO B 26 -8.36 -10.85 17.56
N ILE B 27 -8.23 -11.15 16.27
CA ILE B 27 -9.33 -11.74 15.52
C ILE B 27 -9.25 -13.27 15.60
N PRO B 28 -10.32 -13.90 16.12
CA PRO B 28 -10.40 -15.36 16.21
C PRO B 28 -10.29 -16.02 14.83
N GLY B 29 -9.51 -17.10 14.74
CA GLY B 29 -9.32 -17.80 13.48
C GLY B 29 -8.31 -17.14 12.55
N ILE B 30 -7.69 -16.06 12.99
CA ILE B 30 -6.64 -15.43 12.20
C ILE B 30 -5.37 -15.28 13.03
N SER B 31 -4.22 -15.60 12.43
CA SER B 31 -2.95 -15.47 13.14
C SER B 31 -2.11 -14.32 12.61
N THR B 32 -1.37 -13.69 13.51
CA THR B 32 -0.36 -12.72 13.15
C THR B 32 0.87 -13.47 12.68
N VAL B 33 1.28 -13.22 11.44
CA VAL B 33 2.49 -13.86 10.90
C VAL B 33 3.53 -12.80 10.57
N THR B 35 6.94 -11.77 9.13
CA THR B 35 7.90 -12.31 8.18
C THR B 35 8.98 -11.28 7.96
N GLU B 36 10.00 -11.65 7.19
CA GLU B 36 11.18 -10.83 7.00
C GLU B 36 10.93 -9.61 6.11
N SER B 37 9.77 -9.58 5.46
CA SER B 37 9.42 -8.45 4.61
C SER B 37 8.00 -7.93 4.89
N GLY B 38 7.48 -8.19 6.08
CA GLY B 38 6.19 -7.64 6.48
C GLY B 38 5.43 -8.52 7.46
N VAL B 39 4.40 -7.94 8.09
CA VAL B 39 3.51 -8.70 8.95
C VAL B 39 2.31 -9.15 8.11
N LEU B 40 1.98 -10.44 8.22
CA LEU B 40 0.84 -10.99 7.51
C LEU B 40 -0.21 -11.46 8.49
N TYR B 41 -1.46 -11.41 8.04
CA TYR B 41 -2.55 -11.99 8.80
C TYR B 41 -3.12 -13.10 7.93
N ILE B 42 -3.13 -14.30 8.49
CA ILE B 42 -3.51 -15.49 7.75
C ILE B 42 -4.53 -16.25 8.58
N SER B 43 -5.58 -16.75 7.93
CA SER B 43 -6.59 -17.53 8.63
C SER B 43 -5.96 -18.87 9.06
N ALA B 44 -6.45 -19.39 10.18
CA ALA B 44 -5.96 -20.63 10.77
C ALA B 44 -5.91 -21.80 9.78
N ASP B 45 -6.80 -21.80 8.79
CA ASP B 45 -6.87 -22.89 7.82
C ASP B 45 -5.84 -22.77 6.69
N GLY B 46 -5.07 -21.68 6.68
CA GLY B 46 -4.06 -21.46 5.66
C GLY B 46 -4.57 -20.90 4.32
N LYS B 47 -5.88 -20.73 4.18
CA LYS B 47 -6.46 -20.34 2.89
C LYS B 47 -6.41 -18.86 2.55
N HIS B 48 -6.57 -18.01 3.56
CA HIS B 48 -6.73 -16.59 3.30
C HIS B 48 -5.65 -15.72 3.95
N LEU B 49 -5.27 -14.68 3.23
CA LEU B 49 -4.12 -13.86 3.60
C LEU B 49 -4.40 -12.37 3.33
N LEU B 50 -4.19 -11.55 4.36
CA LEU B 50 -4.27 -10.11 4.24
C LEU B 50 -2.93 -9.54 4.68
N GLN B 51 -2.54 -8.39 4.16
CA GLN B 51 -1.32 -7.74 4.61
C GLN B 51 -1.61 -6.80 5.77
N GLY B 52 -0.63 -6.59 6.64
CA GLY B 52 -0.78 -5.63 7.73
C GLY B 52 -0.83 -4.22 7.18
N PRO B 53 -1.13 -3.23 8.03
CA PRO B 53 -1.39 -3.40 9.47
C PRO B 53 -2.83 -3.69 9.81
N LEU B 54 -3.02 -4.27 10.99
CA LEU B 54 -4.33 -4.50 11.59
C LEU B 54 -4.68 -3.35 12.52
N TYR B 55 -5.88 -2.82 12.39
CA TYR B 55 -6.32 -1.72 13.27
C TYR B 55 -7.46 -2.13 14.20
N ASP B 56 -7.39 -1.64 15.44
CA ASP B 56 -8.48 -1.73 16.40
C ASP B 56 -9.22 -0.40 16.37
N VAL B 57 -10.44 -0.42 15.85
CA VAL B 57 -11.23 0.79 15.67
C VAL B 57 -12.43 0.73 16.58
N SER B 58 -12.29 -0.03 17.66
CA SER B 58 -13.38 -0.16 18.63
C SER B 58 -13.48 1.10 19.51
N GLY B 59 -12.34 1.67 19.87
CA GLY B 59 -12.33 2.84 20.74
C GLY B 59 -12.60 4.14 20.00
N ASP B 60 -12.38 5.25 20.71
CA ASP B 60 -12.58 6.57 20.16
C ASP B 60 -11.64 6.86 18.99
N GLN B 61 -10.42 6.34 19.08
CA GLN B 61 -9.43 6.54 18.03
C GLN B 61 -8.86 5.20 17.60
N PRO B 62 -8.53 5.07 16.31
CA PRO B 62 -7.96 3.80 15.82
C PRO B 62 -6.61 3.52 16.47
N ILE B 63 -6.37 2.26 16.78
CA ILE B 63 -5.07 1.86 17.31
C ILE B 63 -4.44 0.90 16.31
N ASN B 64 -3.18 1.14 15.97
CA ASN B 64 -2.46 0.24 15.07
C ASN B 64 -1.93 -0.95 15.87
N VAL B 65 -2.73 -2.01 15.95
CA VAL B 65 -2.37 -3.22 16.66
C VAL B 65 -1.00 -3.78 16.27
N THR B 66 -0.72 -3.81 14.96
CA THR B 66 0.51 -4.39 14.45
C THR B 66 1.73 -3.64 14.98
N ASN B 67 1.65 -2.32 14.98
CA ASN B 67 2.77 -1.51 15.43
C ASN B 67 2.98 -1.56 16.94
N GLN B 68 1.89 -1.70 17.69
CA GLN B 68 2.02 -1.86 19.14
C GLN B 68 2.80 -3.15 19.41
N ALA B 69 2.44 -4.22 18.72
CA ALA B 69 3.16 -5.49 18.81
C ALA B 69 4.64 -5.37 18.42
N LEU B 70 4.92 -4.61 17.37
CA LEU B 70 6.31 -4.42 16.92
C LEU B 70 7.16 -3.60 17.90
N LEU B 71 6.52 -2.83 18.78
CA LEU B 71 7.25 -2.01 19.75
C LEU B 71 8.06 -2.89 20.70
N LYS B 72 7.48 -4.03 21.08
CA LYS B 72 8.17 -4.99 21.92
C LYS B 72 9.37 -5.62 21.20
N LYS B 73 9.24 -5.91 19.91
CA LYS B 73 10.37 -6.33 19.12
C LYS B 73 11.42 -5.21 19.12
N LEU B 74 10.95 -3.96 19.02
CA LEU B 74 11.85 -2.82 19.03
C LEU B 74 12.65 -2.74 20.34
N GLU B 75 11.99 -3.03 21.46
CA GLU B 75 12.64 -2.93 22.77
C GLU B 75 13.59 -4.06 23.09
N ALA B 76 13.41 -5.20 22.46
CA ALA B 76 14.35 -6.31 22.66
C ALA B 76 15.68 -6.01 21.95
N LEU B 77 15.70 -4.96 21.12
CA LEU B 77 16.93 -4.57 20.46
C LEU B 77 17.68 -3.47 21.20
N SER B 78 17.23 -3.08 22.38
CA SER B 78 17.78 -1.91 23.05
C SER B 78 19.30 -2.02 23.29
N SER B 79 19.78 -3.24 23.56
CA SER B 79 21.21 -3.41 23.78
C SER B 79 22.01 -3.24 22.49
N GLU B 80 21.33 -3.25 21.34
CA GLU B 80 21.99 -3.05 20.05
C GLU B 80 21.81 -1.63 19.52
N ILE B 82 22.40 2.39 19.19
CA ILE B 82 23.41 3.39 19.46
C ILE B 82 22.64 4.59 20.05
N VAL B 83 22.84 4.86 21.33
CA VAL B 83 22.01 5.83 22.05
C VAL B 83 22.77 7.12 22.30
N TYR B 84 22.20 8.24 21.86
CA TYR B 84 22.76 9.55 22.17
C TYR B 84 21.85 10.27 23.16
N LYS B 85 22.22 10.18 24.43
CA LYS B 85 21.37 10.57 25.55
C LYS B 85 21.40 12.07 25.78
N ALA B 86 20.22 12.66 25.95
CA ALA B 86 20.11 14.06 26.32
C ALA B 86 20.31 14.19 27.84
N PRO B 87 21.17 15.14 28.26
CA PRO B 87 21.41 15.40 29.68
C PRO B 87 20.11 15.42 30.48
N GLU B 88 19.28 16.44 30.32
CA GLU B 88 17.94 16.39 30.87
C GLU B 88 17.03 15.98 29.73
N GLU B 89 16.36 14.85 29.90
CA GLU B 89 15.67 14.19 28.80
C GLU B 89 14.16 14.46 28.81
N LYS B 90 13.67 15.14 27.78
CA LYS B 90 12.25 15.36 27.65
C LYS B 90 11.62 14.26 26.77
N HIS B 91 12.31 13.88 25.69
CA HIS B 91 11.78 12.89 24.76
C HIS B 91 12.80 11.86 24.32
N VAL B 92 12.32 10.67 23.96
CA VAL B 92 13.16 9.62 23.39
C VAL B 92 12.58 9.21 22.05
N ILE B 93 13.38 9.35 20.99
CA ILE B 93 13.00 8.83 19.69
C ILE B 93 13.98 7.73 19.27
N THR B 94 13.46 6.79 18.48
CA THR B 94 14.25 5.74 17.87
C THR B 94 14.27 6.05 16.38
N VAL B 95 15.48 6.19 15.84
CA VAL B 95 15.65 6.54 14.44
C VAL B 95 16.28 5.39 13.66
N PHE B 96 15.62 4.98 12.57
CA PHE B 96 16.26 4.07 11.62
C PHE B 96 17.10 4.90 10.67
N THR B 97 18.40 4.59 10.60
CA THR B 97 19.34 5.46 9.91
C THR B 97 20.22 4.69 8.95
N ASP B 98 20.75 5.43 7.97
CA ASP B 98 21.62 4.84 6.96
C ASP B 98 22.77 5.82 6.86
N ILE B 99 23.99 5.35 7.14
CA ILE B 99 25.14 6.25 7.13
C ILE B 99 25.41 6.89 5.77
N THR B 100 24.83 6.33 4.71
CA THR B 100 25.05 6.87 3.36
C THR B 100 24.00 7.91 2.98
N CYS B 101 23.03 8.10 3.86
CA CYS B 101 21.91 8.99 3.59
C CYS B 101 22.21 10.43 4.02
N GLY B 102 22.11 11.35 3.06
CA GLY B 102 22.38 12.76 3.31
C GLY B 102 21.51 13.38 4.40
N TYR B 103 20.26 12.96 4.49
CA TYR B 103 19.40 13.47 5.55
C TYR B 103 19.77 12.88 6.92
N CYS B 104 20.19 11.63 6.94
CA CYS B 104 20.67 11.05 8.18
C CYS B 104 21.92 11.76 8.67
N ARG B 105 22.83 12.06 7.74
CA ARG B 105 23.99 12.88 8.05
C ARG B 105 23.55 14.21 8.63
N LYS B 106 22.69 14.91 7.90
CA LYS B 106 22.22 16.22 8.32
C LYS B 106 21.69 16.15 9.74
N LEU B 107 20.84 15.16 9.99
CA LEU B 107 20.33 14.94 11.34
C LEU B 107 21.50 14.75 12.32
N HIS B 108 22.36 13.80 12.06
CA HIS B 108 23.41 13.45 13.01
C HIS B 108 24.36 14.60 13.33
N GLU B 109 24.65 15.43 12.33
CA GLU B 109 25.47 16.63 12.51
C GLU B 109 24.95 17.52 13.62
N GLN B 110 23.65 17.45 13.90
CA GLN B 110 23.08 18.34 14.88
C GLN B 110 22.78 17.62 16.19
N LYS B 112 24.08 17.31 19.10
CA LYS B 112 24.19 18.12 20.32
C LYS B 112 23.02 19.08 20.45
N ASP B 113 22.41 19.45 19.33
CA ASP B 113 21.28 20.36 19.39
C ASP B 113 20.01 19.61 19.83
N TYR B 114 19.78 18.43 19.25
CA TYR B 114 18.63 17.62 19.66
C TYR B 114 18.74 17.33 21.16
N ASN B 115 19.92 16.87 21.59
CA ASN B 115 20.22 16.64 23.01
C ASN B 115 19.99 17.87 23.88
N ALA B 116 20.47 19.02 23.40
CA ALA B 116 20.28 20.27 24.16
C ALA B 116 18.79 20.55 24.38
N LEU B 117 17.94 20.09 23.46
CA LEU B 117 16.50 20.33 23.55
C LEU B 117 15.78 19.24 24.31
N GLY B 118 16.53 18.32 24.92
CA GLY B 118 15.93 17.26 25.73
C GLY B 118 15.58 16.03 24.94
N ILE B 119 16.08 15.94 23.71
CA ILE B 119 15.72 14.82 22.86
C ILE B 119 16.86 13.79 22.81
N THR B 120 16.56 12.61 23.35
CA THR B 120 17.47 11.49 23.27
C THR B 120 17.20 10.75 21.96
N VAL B 121 18.26 10.44 21.23
CA VAL B 121 18.11 9.70 19.98
C VAL B 121 18.77 8.31 20.07
N ARG B 122 18.04 7.30 19.64
CA ARG B 122 18.52 5.91 19.62
C ARG B 122 18.50 5.37 18.18
N TYR B 123 19.65 4.92 17.68
CA TYR B 123 19.72 4.48 16.29
C TYR B 123 19.60 2.96 16.13
N LEU B 124 18.89 2.56 15.07
CA LEU B 124 18.96 1.19 14.54
C LEU B 124 19.38 1.29 13.07
N ALA B 125 20.07 0.26 12.57
CA ALA B 125 20.62 0.28 11.21
C ALA B 125 19.56 0.00 10.15
N PHE B 126 19.44 0.86 9.14
CA PHE B 126 18.48 0.60 8.05
C PHE B 126 19.08 1.04 6.73
N PRO B 127 19.76 0.12 6.03
CA PRO B 127 20.31 0.38 4.69
C PRO B 127 19.19 0.56 3.67
N ARG B 128 19.07 1.76 3.11
CA ARG B 128 18.03 2.03 2.11
C ARG B 128 18.16 1.06 0.94
N GLN B 129 19.41 0.76 0.57
CA GLN B 129 19.70 -0.12 -0.57
C GLN B 129 19.71 -1.61 -0.18
N GLY B 130 19.30 -1.93 1.03
CA GLY B 130 19.05 -3.32 1.40
C GLY B 130 20.22 -4.07 2.01
N LEU B 131 20.00 -5.36 2.28
CA LEU B 131 20.91 -6.12 3.13
C LEU B 131 22.23 -6.51 2.47
N SER B 132 22.29 -6.44 1.14
CA SER B 132 23.52 -6.83 0.46
C SER B 132 24.38 -5.64 0.05
N SER B 133 23.96 -4.44 0.43
CA SER B 133 24.73 -3.22 0.13
C SER B 133 26.01 -3.06 0.97
N GLN B 134 26.90 -2.17 0.51
CA GLN B 134 28.10 -1.79 1.26
C GLN B 134 27.68 -1.08 2.54
N ALA B 135 26.64 -0.27 2.40
CA ALA B 135 26.01 0.39 3.52
C ALA B 135 25.76 -0.59 4.67
N GLU B 136 25.22 -1.75 4.34
CA GLU B 136 24.97 -2.80 5.33
C GLU B 136 26.27 -3.29 6.00
N LYS B 137 27.27 -3.61 5.17
CA LYS B 137 28.55 -4.10 5.68
C LYS B 137 29.25 -3.08 6.57
N ASP B 138 29.26 -1.82 6.13
CA ASP B 138 29.90 -0.76 6.90
C ASP B 138 29.16 -0.54 8.21
N ARG B 140 27.47 -2.84 9.75
CA ARG B 140 27.77 -4.01 10.56
C ARG B 140 29.05 -3.83 11.38
N SER B 141 30.08 -3.26 10.74
CA SER B 141 31.34 -2.98 11.42
C SER B 141 31.15 -1.96 12.56
N ILE B 142 30.44 -0.87 12.27
CA ILE B 142 30.13 0.14 13.28
C ILE B 142 29.46 -0.46 14.52
N TRP B 143 28.40 -1.23 14.30
CA TRP B 143 27.64 -1.85 15.38
C TRP B 143 28.43 -2.92 16.14
N CYS B 144 29.53 -3.41 15.56
CA CYS B 144 30.37 -4.39 16.24
C CYS B 144 31.49 -3.77 17.07
N ALA B 146 33.33 -1.78 20.12
CA ALA B 146 33.11 -1.60 21.55
C ALA B 146 32.44 -0.25 21.85
N ASP B 147 32.92 0.81 21.21
CA ASP B 147 32.26 2.11 21.30
C ASP B 147 31.52 2.45 20.00
N ARG B 148 30.26 2.03 19.92
CA ARG B 148 29.47 2.26 18.72
C ARG B 148 29.26 3.74 18.43
N ASN B 149 29.21 4.55 19.47
CA ASN B 149 28.94 5.98 19.34
C ASN B 149 30.07 6.69 18.61
N LYS B 150 31.30 6.36 19.04
CA LYS B 150 32.51 6.89 18.41
C LYS B 150 32.61 6.41 16.95
N ALA B 151 32.42 5.11 16.74
CA ALA B 151 32.46 4.56 15.40
C ALA B 151 31.42 5.25 14.50
N PHE B 152 30.22 5.46 15.04
CA PHE B 152 29.16 6.08 14.26
C PHE B 152 29.49 7.54 13.92
N ASP B 153 30.01 8.26 14.91
CA ASP B 153 30.43 9.64 14.71
C ASP B 153 31.47 9.74 13.59
N ASP B 154 32.52 8.92 13.69
CA ASP B 154 33.59 8.95 12.68
C ASP B 154 33.09 8.59 11.28
N ALA B 155 32.16 7.65 11.21
CA ALA B 155 31.54 7.26 9.94
C ALA B 155 30.83 8.46 9.32
N LYS B 157 31.39 11.51 9.84
CA LYS B 157 32.39 12.52 9.50
C LYS B 157 33.23 12.08 8.30
N ASN B 158 32.72 11.07 7.59
CA ASN B 158 33.32 10.59 6.34
C ASN B 158 34.66 9.89 6.46
N ASN B 159 35.18 9.80 7.68
CA ASN B 159 36.44 9.12 7.88
C ASN B 159 36.29 7.63 7.58
N ASP B 160 37.40 6.97 7.26
CA ASP B 160 37.35 5.57 6.85
C ASP B 160 36.81 4.65 7.94
N ILE B 161 36.11 3.60 7.52
CA ILE B 161 35.54 2.63 8.44
C ILE B 161 36.29 1.30 8.45
N SER B 162 36.89 0.99 9.59
CA SER B 162 37.61 -0.27 9.73
C SER B 162 36.60 -1.43 9.71
N PRO B 163 36.90 -2.47 8.91
CA PRO B 163 36.00 -3.61 8.82
C PRO B 163 35.99 -4.41 10.12
N ALA B 164 34.80 -4.81 10.58
CA ALA B 164 34.70 -5.69 11.74
C ALA B 164 33.47 -6.55 11.60
N THR B 165 33.49 -7.70 12.26
CA THR B 165 32.35 -8.59 12.26
C THR B 165 32.22 -9.17 13.66
N CYS B 166 30.99 -9.48 14.07
CA CYS B 166 30.76 -10.13 15.35
C CYS B 166 29.39 -10.80 15.27
N LYS B 167 28.88 -11.25 16.41
CA LYS B 167 27.60 -11.95 16.42
C LYS B 167 26.35 -11.06 16.39
N THR B 168 26.54 -9.74 16.41
CA THR B 168 25.39 -8.82 16.36
C THR B 168 24.87 -8.78 14.91
N ASP B 169 23.58 -9.08 14.71
CA ASP B 169 23.02 -9.20 13.36
C ASP B 169 22.05 -8.07 12.99
N ILE B 170 22.58 -6.98 12.45
CA ILE B 170 21.75 -5.83 12.17
C ILE B 170 20.77 -6.06 11.03
N SER B 171 20.78 -7.26 10.44
CA SER B 171 19.78 -7.56 9.44
C SER B 171 18.39 -7.59 10.12
N LYS B 172 18.36 -7.93 11.41
CA LYS B 172 17.12 -7.91 12.18
C LYS B 172 16.58 -6.49 12.34
N HIS B 173 17.48 -5.50 12.37
CA HIS B 173 17.11 -4.09 12.40
C HIS B 173 16.38 -3.74 11.11
N TYR B 174 17.01 -4.07 9.98
CA TYR B 174 16.37 -3.83 8.68
C TYR B 174 14.98 -4.47 8.62
N GLN B 175 14.88 -5.74 9.00
CA GLN B 175 13.60 -6.45 8.96
C GLN B 175 12.50 -5.84 9.85
N LEU B 176 12.86 -5.42 11.06
CA LEU B 176 11.91 -4.75 11.93
C LEU B 176 11.41 -3.48 11.23
N GLY B 177 12.35 -2.76 10.61
CA GLY B 177 12.03 -1.54 9.89
C GLY B 177 11.02 -1.81 8.79
N VAL B 178 11.25 -2.87 8.02
CA VAL B 178 10.33 -3.24 6.95
C VAL B 178 8.97 -3.59 7.55
N GLN B 179 8.98 -4.25 8.71
CA GLN B 179 7.73 -4.64 9.38
C GLN B 179 6.91 -3.44 9.88
N PHE B 180 7.60 -2.36 10.25
CA PHE B 180 6.95 -1.10 10.64
C PHE B 180 6.37 -0.34 9.44
N GLY B 181 6.76 -0.73 8.24
CA GLY B 181 6.26 -0.08 7.03
C GLY B 181 7.20 0.99 6.52
N ILE B 182 8.36 1.10 7.16
CA ILE B 182 9.36 2.11 6.81
C ILE B 182 9.87 1.91 5.38
N GLN B 183 9.95 2.99 4.61
CA GLN B 183 10.46 2.88 3.24
C GLN B 183 11.57 3.88 2.92
N GLY B 184 12.20 4.42 3.95
CA GLY B 184 13.25 5.38 3.73
C GLY B 184 13.83 5.89 5.03
N THR B 185 14.93 6.62 4.91
CA THR B 185 15.64 7.14 6.06
C THR B 185 15.73 8.66 5.96
N PRO B 186 15.79 9.35 7.10
CA PRO B 186 15.67 8.73 8.42
C PRO B 186 14.21 8.51 8.73
N ALA B 187 13.90 7.50 9.52
CA ALA B 187 12.52 7.27 9.90
C ALA B 187 12.46 7.28 11.41
N ILE B 188 11.50 8.03 11.96
CA ILE B 188 11.42 8.21 13.40
C ILE B 188 10.35 7.28 13.98
N VAL B 189 10.70 6.55 15.04
CA VAL B 189 9.67 5.82 15.78
C VAL B 189 9.39 6.53 17.12
N LEU B 190 8.13 6.91 17.33
CA LEU B 190 7.76 7.59 18.57
C LEU B 190 7.52 6.54 19.65
N GLN B 191 7.60 6.96 20.92
CA GLN B 191 7.19 6.09 22.03
C GLN B 191 5.81 5.52 21.77
N ASN B 192 4.92 6.38 21.27
CA ASN B 192 3.52 6.01 21.12
C ASN B 192 3.24 5.04 19.96
N GLY B 193 4.28 4.71 19.19
CA GLY B 193 4.16 3.71 18.13
C GLY B 193 4.12 4.25 16.71
N THR B 194 3.95 5.57 16.58
CA THR B 194 3.82 6.19 15.27
C THR B 194 5.15 6.21 14.50
N ILE B 195 5.10 5.90 13.21
CA ILE B 195 6.24 6.08 12.34
C ILE B 195 6.16 7.47 11.69
N VAL B 196 7.22 8.27 11.85
CA VAL B 196 7.30 9.60 11.23
C VAL B 196 8.45 9.65 10.22
N PRO B 197 8.14 9.47 8.92
CA PRO B 197 9.18 9.43 7.88
C PRO B 197 9.91 10.78 7.74
N GLY B 198 11.19 10.75 7.36
CA GLY B 198 11.89 11.98 6.96
C GLY B 198 12.59 12.76 8.05
N TYR B 199 13.46 13.69 7.62
CA TYR B 199 14.26 14.54 8.50
C TYR B 199 13.47 15.73 9.05
N GLN B 200 13.67 16.05 10.32
CA GLN B 200 13.23 17.31 10.91
C GLN B 200 14.33 17.86 11.81
N GLY B 201 14.64 19.14 11.66
CA GLY B 201 15.65 19.77 12.49
C GLY B 201 15.22 19.78 13.94
N PRO B 202 16.16 20.10 14.85
CA PRO B 202 15.93 20.12 16.30
C PRO B 202 14.68 20.92 16.70
N LYS B 203 14.54 22.13 16.18
CA LYS B 203 13.39 22.95 16.54
C LYS B 203 12.06 22.34 16.09
N GLU B 204 12.00 21.89 14.84
CA GLU B 204 10.76 21.27 14.34
C GLU B 204 10.48 19.96 15.08
N LEU B 206 11.29 19.02 18.15
CA LEU B 206 10.77 19.31 19.49
C LEU B 206 9.30 19.74 19.42
N GLN B 207 8.99 20.66 18.49
CA GLN B 207 7.60 21.07 18.27
C GLN B 207 6.69 19.86 18.02
N LEU B 209 7.21 16.60 18.60
CA LEU B 209 7.20 15.79 19.82
C LEU B 209 6.37 16.37 20.98
N ASN B 210 6.48 17.66 21.24
CA ASN B 210 5.65 18.25 22.30
C ASN B 210 4.17 18.18 21.99
N ALA B 211 3.82 18.15 20.71
CA ALA B 211 2.41 18.17 20.36
C ALA B 211 1.82 16.75 20.25
N HIS B 212 2.57 15.85 19.62
CA HIS B 212 2.04 14.52 19.32
C HIS B 212 2.45 13.48 20.35
N GLN B 213 3.55 13.72 21.04
CA GLN B 213 4.11 12.72 21.94
C GLN B 213 3.93 13.13 23.39
N ALA B 214 2.87 12.60 24.02
CA ALA B 214 2.56 12.91 25.41
C ALA B 214 3.78 12.76 26.29
N SER B 215 4.04 13.78 27.10
CA SER B 215 5.10 13.70 28.10
C SER B 215 4.51 14.04 29.45
N LEU B 216 4.41 13.03 30.32
CA LEU B 216 3.80 13.21 31.63
C LEU B 216 4.82 13.83 32.60
N LYS B 217 4.96 15.15 32.53
CA LYS B 217 6.12 15.85 33.09
C LYS B 217 5.95 17.37 33.04
#